data_2Q9G
#
_entry.id   2Q9G
#
_cell.length_a   121.350
_cell.length_b   121.350
_cell.length_c   142.570
_cell.angle_alpha   90.00
_cell.angle_beta   90.00
_cell.angle_gamma   90.00
#
_symmetry.space_group_name_H-M   'I 41 2 2'
#
loop_
_entity.id
_entity.type
_entity.pdbx_description
1 polymer 'Cytochrome P450 46A1'
2 non-polymer 'PROTOPORPHYRIN IX CONTAINING FE'
3 non-polymer GLYCEROL
4 water water
#
_entity_poly.entity_id   1
_entity_poly.type   'polypeptide(L)'
_entity_poly.pdbx_seq_one_letter_code
;MAKKDEVGGRVLQDVFLDWAKKYGPVVRVNVFHKTSVIVTSPESVKKFLMSTKYNKDSKMYRALQTVFGERLFGQGLVSE
CNYERWHKQRRVIDLAFSRSSLVSLMETFNEKAEQLVEILEAKADGQTPVSMQDMLTYTAMDILAKAAFGMETSMLLGAQ
KPLSQAVKLMLEGITASRNTLAKFLPGKRKQLREVRESIRFLRQVGRDWVQRRREALKRGEEVPADILTQILKAEEGAQD
DEGLLDNFVTFFIAGHETSANHLAFTVMELSRQPEIVARLQAEVDEVIGSKRYLDFEDLGRLQYLSQVLKESLRLYPPAW
GTFRLLEEETLIDGVRVPGNTPLLFSTYVMGRMDTYFEDPLTFNPDRFGPGAPKPRFTYFPFSLGHRSCIGQQFAQMEVK
VVMAKLLQRLEFRLVPGQRFGLQEQATLKPLDPVLCTLRPRGWQPAPPPPPCHHHH
;
_entity_poly.pdbx_strand_id   A
#
# COMPACT_ATOMS: atom_id res chain seq x y z
N VAL A 11 7.69 -10.27 14.62
CA VAL A 11 8.29 -9.08 13.94
C VAL A 11 8.62 -7.91 14.88
N LEU A 12 9.49 -7.01 14.42
CA LEU A 12 9.94 -5.89 15.25
C LEU A 12 8.73 -5.06 15.79
N GLN A 13 7.77 -4.77 14.92
CA GLN A 13 6.56 -4.07 15.34
C GLN A 13 5.89 -4.69 16.58
N ASP A 14 5.87 -6.02 16.67
CA ASP A 14 5.38 -6.65 17.89
C ASP A 14 6.19 -6.39 19.15
N VAL A 15 7.51 -6.24 18.99
CA VAL A 15 8.30 -5.82 20.12
C VAL A 15 7.88 -4.41 20.55
N PHE A 16 7.70 -3.51 19.58
CA PHE A 16 7.29 -2.14 19.93
C PHE A 16 5.91 -2.13 20.63
N LEU A 17 5.01 -2.96 20.13
CA LEU A 17 3.74 -3.13 20.79
C LEU A 17 3.94 -3.44 22.29
N ASP A 18 4.77 -4.45 22.57
CA ASP A 18 4.97 -4.85 23.94
C ASP A 18 5.57 -3.74 24.78
N TRP A 19 6.56 -3.03 24.24
CA TRP A 19 7.12 -1.91 25.00
C TRP A 19 6.16 -0.75 25.15
N ALA A 20 5.22 -0.60 24.22
CA ALA A 20 4.23 0.45 24.34
C ALA A 20 3.27 0.10 25.47
N LYS A 21 2.83 -1.16 25.50
CA LYS A 21 1.93 -1.60 26.56
C LYS A 21 2.61 -1.49 27.93
N LYS A 22 3.91 -1.76 27.97
CA LYS A 22 4.65 -1.86 29.23
C LYS A 22 5.28 -0.55 29.72
N TYR A 23 5.80 0.26 28.80
CA TYR A 23 6.57 1.43 29.20
C TYR A 23 5.91 2.74 28.81
N GLY A 24 4.65 2.69 28.36
CA GLY A 24 3.94 3.94 28.23
C GLY A 24 3.91 4.61 26.85
N PRO A 25 3.17 5.71 26.73
CA PRO A 25 2.98 6.45 25.49
C PRO A 25 4.18 7.10 24.81
N VAL A 26 5.36 7.04 25.43
CA VAL A 26 6.54 7.64 24.84
C VAL A 26 7.78 6.80 25.14
N VAL A 27 8.35 6.19 24.11
CA VAL A 27 9.40 5.23 24.35
C VAL A 27 10.50 5.32 23.32
N ARG A 28 11.76 5.33 23.79
CA ARG A 28 12.88 5.40 22.89
C ARG A 28 13.29 4.01 22.41
N VAL A 29 13.44 3.83 21.11
CA VAL A 29 13.77 2.52 20.54
C VAL A 29 14.78 2.69 19.41
N ASN A 30 15.33 1.57 18.93
CA ASN A 30 16.16 1.61 17.73
C ASN A 30 15.45 0.97 16.53
N VAL A 31 15.23 1.77 15.50
CA VAL A 31 14.62 1.30 14.29
C VAL A 31 15.57 1.67 13.15
N PHE A 32 15.79 0.72 12.25
CA PHE A 32 16.72 0.95 11.13
C PHE A 32 18.04 1.52 11.64
N HIS A 33 18.46 1.10 12.82
CA HIS A 33 19.77 1.45 13.34
C HIS A 33 20.00 2.93 13.66
N LYS A 34 18.92 3.71 13.62
CA LYS A 34 18.94 5.02 14.24
C LYS A 34 18.10 4.90 15.50
N THR A 35 18.19 5.88 16.40
CA THR A 35 17.32 5.87 17.55
C THR A 35 16.17 6.83 17.28
N SER A 36 15.00 6.51 17.82
CA SER A 36 13.90 7.45 17.77
C SER A 36 12.97 7.19 18.92
N VAL A 37 11.90 7.96 18.97
CA VAL A 37 10.93 7.83 20.03
C VAL A 37 9.58 7.46 19.42
N ILE A 38 9.07 6.28 19.79
CA ILE A 38 7.75 5.88 19.36
C ILE A 38 6.73 6.52 20.27
N VAL A 39 5.71 7.07 19.66
CA VAL A 39 4.74 7.88 20.36
C VAL A 39 3.40 7.25 20.10
N THR A 40 2.71 6.80 21.16
CA THR A 40 1.52 5.99 20.98
C THR A 40 0.25 6.56 21.57
N SER A 41 0.22 7.84 21.88
CA SER A 41 -1.02 8.42 22.37
C SER A 41 -1.74 9.11 21.21
N PRO A 42 -3.08 8.98 21.16
CA PRO A 42 -3.80 9.63 20.08
C PRO A 42 -3.66 11.15 19.98
N GLU A 43 -3.59 11.81 21.14
CA GLU A 43 -3.38 13.26 21.15
C GLU A 43 -2.04 13.62 20.51
N SER A 44 -1.02 12.81 20.72
CA SER A 44 0.25 13.09 20.05
C SER A 44 0.15 12.85 18.55
N VAL A 45 -0.58 11.80 18.18
CA VAL A 45 -0.81 11.55 16.76
C VAL A 45 -1.44 12.78 16.12
N LYS A 46 -2.50 13.28 16.76
CA LYS A 46 -3.21 14.43 16.26
C LYS A 46 -2.29 15.62 16.16
N LYS A 47 -1.62 15.95 17.27
CA LYS A 47 -0.70 17.07 17.25
C LYS A 47 0.30 17.01 16.09
N PHE A 48 1.03 15.92 15.97
CA PHE A 48 2.12 15.91 15.03
C PHE A 48 1.77 15.63 13.57
N LEU A 49 0.78 14.78 13.34
CA LEU A 49 0.38 14.47 11.98
C LEU A 49 -0.60 15.46 11.35
N MET A 50 -1.37 16.18 12.17
CA MET A 50 -2.39 17.07 11.59
C MET A 50 -1.89 18.51 11.41
N SER A 51 -0.58 18.70 11.51
CA SER A 51 0.00 20.02 11.38
C SER A 51 1.15 20.08 10.39
N THR A 52 1.07 21.04 9.46
CA THR A 52 2.12 21.25 8.48
C THR A 52 3.45 21.62 9.12
N LYS A 53 3.41 22.04 10.39
CA LYS A 53 4.64 22.36 11.09
C LYS A 53 5.60 21.16 11.14
N TYR A 54 5.08 19.93 11.11
CA TYR A 54 5.96 18.79 11.31
C TYR A 54 6.17 18.02 10.01
N ASN A 55 7.42 17.75 9.67
CA ASN A 55 7.72 17.14 8.41
C ASN A 55 8.47 15.83 8.56
N LYS A 56 8.53 15.06 7.47
CA LYS A 56 9.28 13.82 7.51
C LYS A 56 10.70 14.06 7.97
N ASP A 57 11.31 13.01 8.52
CA ASP A 57 12.67 13.08 9.01
C ASP A 57 13.59 12.51 7.94
N SER A 58 14.29 13.37 7.22
CA SER A 58 15.16 12.87 6.16
C SER A 58 16.11 11.77 6.62
N LYS A 59 16.50 11.76 7.89
CA LYS A 59 17.36 10.68 8.39
C LYS A 59 16.74 9.29 8.19
N MET A 60 15.45 9.15 8.45
CA MET A 60 14.81 7.86 8.25
C MET A 60 14.63 7.50 6.77
N TYR A 61 14.32 8.51 5.96
CA TYR A 61 14.05 8.30 4.54
C TYR A 61 15.24 8.22 3.57
N ARG A 62 16.44 8.62 4.03
CA ARG A 62 17.62 8.51 3.16
C ARG A 62 17.99 7.12 2.68
N ALA A 63 17.69 6.11 3.49
CA ALA A 63 17.96 4.72 3.14
C ALA A 63 17.01 4.20 2.06
N LEU A 64 16.24 5.11 1.48
CA LEU A 64 15.15 4.75 0.59
C LEU A 64 15.35 5.65 -0.62
N GLN A 65 15.90 6.83 -0.33
CA GLN A 65 16.36 7.76 -1.34
C GLN A 65 17.35 7.06 -2.28
N THR A 66 18.28 6.31 -1.69
CA THR A 66 19.26 5.55 -2.46
C THR A 66 19.58 4.22 -1.77
N VAL A 67 19.96 3.23 -2.56
CA VAL A 67 20.18 1.88 -2.04
C VAL A 67 21.40 1.19 -2.63
N PHE A 68 22.34 0.82 -1.75
CA PHE A 68 23.61 0.17 -2.13
C PHE A 68 24.38 0.85 -3.26
N GLY A 69 24.25 2.17 -3.38
CA GLY A 69 24.96 2.88 -4.43
C GLY A 69 24.09 3.33 -5.60
N GLU A 70 23.01 2.59 -5.84
CA GLU A 70 22.05 2.91 -6.89
C GLU A 70 20.87 3.68 -6.32
N ARG A 71 20.61 4.87 -6.85
CA ARG A 71 19.48 5.66 -6.35
C ARG A 71 18.18 5.04 -6.78
N LEU A 72 17.22 5.06 -5.86
CA LEU A 72 15.96 4.38 -6.06
C LEU A 72 14.81 5.35 -6.11
N PHE A 73 14.37 5.82 -4.95
CA PHE A 73 13.23 6.73 -4.95
C PHE A 73 13.63 8.19 -5.00
N GLY A 74 14.92 8.47 -4.77
CA GLY A 74 15.44 9.82 -4.93
C GLY A 74 14.73 10.87 -4.11
N GLN A 75 14.21 11.91 -4.76
CA GLN A 75 13.40 12.94 -4.11
C GLN A 75 11.95 12.83 -4.59
N GLY A 76 11.50 11.59 -4.81
CA GLY A 76 10.14 11.36 -5.24
C GLY A 76 9.11 11.87 -4.25
N LEU A 77 7.84 11.61 -4.55
CA LEU A 77 6.75 12.18 -3.78
C LEU A 77 6.73 11.64 -2.33
N VAL A 78 7.35 10.48 -2.11
CA VAL A 78 7.44 9.86 -0.78
C VAL A 78 8.78 10.15 -0.08
N SER A 79 9.88 10.07 -0.81
CA SER A 79 11.23 10.28 -0.29
C SER A 79 11.40 11.72 0.19
N GLU A 80 10.83 12.67 -0.54
CA GLU A 80 11.07 14.10 -0.29
C GLU A 80 10.55 14.59 1.04
N CYS A 81 11.45 15.12 1.87
CA CYS A 81 11.08 15.54 3.21
C CYS A 81 10.86 17.01 3.39
N ASN A 82 11.58 17.82 2.62
CA ASN A 82 11.43 19.26 2.67
C ASN A 82 10.01 19.71 2.30
N TYR A 83 9.35 20.44 3.20
CA TYR A 83 7.97 20.80 2.96
C TYR A 83 7.70 21.52 1.66
N GLU A 84 8.58 22.44 1.27
CA GLU A 84 8.25 23.28 0.13
C GLU A 84 8.47 22.53 -1.20
N ARG A 85 9.61 21.84 -1.33
CA ARG A 85 9.85 21.02 -2.52
C ARG A 85 8.79 19.94 -2.66
N TRP A 86 8.28 19.49 -1.54
CA TRP A 86 7.24 18.50 -1.58
C TRP A 86 5.91 19.04 -2.08
N HIS A 87 5.51 20.22 -1.60
CA HIS A 87 4.18 20.81 -1.89
C HIS A 87 4.04 21.17 -3.36
N LYS A 88 5.18 21.50 -4.00
CA LYS A 88 5.22 21.75 -5.43
C LYS A 88 4.79 20.50 -6.22
N GLN A 89 5.44 19.35 -5.95
CA GLN A 89 5.09 18.08 -6.60
C GLN A 89 3.63 17.72 -6.33
N ARG A 90 3.28 17.72 -5.06
CA ARG A 90 1.98 17.25 -4.61
C ARG A 90 0.88 18.02 -5.26
N ARG A 91 1.04 19.34 -5.28
CA ARG A 91 0.04 20.23 -5.85
C ARG A 91 -0.36 19.86 -7.30
N VAL A 92 0.58 19.36 -8.11
CA VAL A 92 0.25 19.03 -9.50
C VAL A 92 -0.13 17.56 -9.65
N ILE A 93 0.62 16.68 -9.00
CA ILE A 93 0.28 15.27 -9.01
C ILE A 93 -1.13 14.99 -8.46
N ASP A 94 -1.61 15.85 -7.55
CA ASP A 94 -2.99 15.78 -7.04
C ASP A 94 -4.04 15.65 -8.13
N LEU A 95 -3.76 16.27 -9.28
CA LEU A 95 -4.75 16.36 -10.33
C LEU A 95 -5.05 14.98 -10.89
N ALA A 96 -4.00 14.17 -11.06
CA ALA A 96 -4.18 12.81 -11.55
C ALA A 96 -5.05 11.98 -10.60
N PHE A 97 -5.38 12.55 -9.44
CA PHE A 97 -6.20 11.83 -8.48
C PHE A 97 -7.53 12.48 -8.16
N SER A 98 -8.01 13.35 -9.03
CA SER A 98 -9.31 14.00 -8.79
C SER A 98 -10.44 13.00 -9.04
N ARG A 99 -11.62 13.29 -8.51
CA ARG A 99 -12.79 12.44 -8.75
C ARG A 99 -12.93 12.00 -10.22
N SER A 100 -12.82 12.93 -11.17
CA SER A 100 -12.98 12.57 -12.57
C SER A 100 -11.91 11.58 -13.04
N SER A 101 -10.67 11.80 -12.62
CA SER A 101 -9.60 10.87 -12.95
C SER A 101 -9.91 9.48 -12.42
N LEU A 102 -10.29 9.39 -11.14
CA LEU A 102 -10.50 8.07 -10.54
C LEU A 102 -11.62 7.34 -11.24
N VAL A 103 -12.72 8.07 -11.50
CA VAL A 103 -13.88 7.49 -12.14
C VAL A 103 -13.54 6.93 -13.51
N SER A 104 -12.61 7.57 -14.18
CA SER A 104 -12.23 7.05 -15.48
C SER A 104 -11.31 5.80 -15.37
N LEU A 105 -10.95 5.42 -14.15
CA LEU A 105 -10.11 4.24 -13.92
C LEU A 105 -10.89 2.92 -13.85
N MET A 106 -12.19 3.02 -13.58
CA MET A 106 -13.04 1.84 -13.44
C MET A 106 -12.92 0.82 -14.56
N GLU A 107 -12.57 1.28 -15.76
CA GLU A 107 -12.40 0.38 -16.89
C GLU A 107 -11.15 -0.48 -16.69
N THR A 108 -10.06 0.15 -16.25
CA THR A 108 -8.82 -0.57 -15.91
C THR A 108 -9.01 -1.55 -14.75
N PHE A 109 -9.58 -1.07 -13.66
CA PHE A 109 -9.87 -1.96 -12.52
C PHE A 109 -10.73 -3.17 -12.92
N ASN A 110 -11.84 -2.89 -13.61
CA ASN A 110 -12.67 -3.98 -14.09
C ASN A 110 -11.95 -4.96 -14.99
N GLU A 111 -11.25 -4.44 -15.98
CA GLU A 111 -10.55 -5.34 -16.91
C GLU A 111 -9.64 -6.29 -16.15
N LYS A 112 -8.77 -5.73 -15.30
CA LYS A 112 -7.77 -6.57 -14.63
C LYS A 112 -8.39 -7.56 -13.66
N ALA A 113 -9.41 -7.13 -12.93
CA ALA A 113 -10.00 -8.00 -11.92
C ALA A 113 -10.67 -9.17 -12.61
N GLU A 114 -11.27 -8.90 -13.76
CA GLU A 114 -12.00 -9.94 -14.48
C GLU A 114 -11.00 -10.94 -15.01
N GLN A 115 -9.86 -10.42 -15.45
CA GLN A 115 -8.83 -11.29 -16.01
C GLN A 115 -8.33 -12.21 -14.89
N LEU A 116 -8.09 -11.65 -13.71
CA LEU A 116 -7.71 -12.45 -12.55
C LEU A 116 -8.70 -13.56 -12.21
N VAL A 117 -9.97 -13.20 -12.15
CA VAL A 117 -11.00 -14.18 -11.83
C VAL A 117 -11.06 -15.27 -12.88
N GLU A 118 -10.88 -14.88 -14.15
CA GLU A 118 -10.84 -15.88 -15.20
C GLU A 118 -9.66 -16.83 -15.03
N ILE A 119 -8.43 -16.29 -14.87
CA ILE A 119 -7.27 -17.13 -14.62
C ILE A 119 -7.53 -18.08 -13.46
N LEU A 120 -8.03 -17.55 -12.35
CA LEU A 120 -8.31 -18.37 -11.19
C LEU A 120 -9.37 -19.44 -11.39
N GLU A 121 -10.45 -19.14 -12.10
CA GLU A 121 -11.48 -20.14 -12.38
C GLU A 121 -10.89 -21.30 -13.16
N ALA A 122 -9.92 -21.01 -14.02
CA ALA A 122 -9.25 -22.07 -14.76
C ALA A 122 -8.51 -23.08 -13.87
N LYS A 123 -8.17 -22.67 -12.65
CA LYS A 123 -7.43 -23.52 -11.73
C LYS A 123 -8.29 -24.09 -10.61
N ALA A 124 -9.59 -23.82 -10.66
CA ALA A 124 -10.50 -24.06 -9.54
C ALA A 124 -11.12 -25.46 -9.47
N ASP A 125 -10.26 -26.46 -9.28
CA ASP A 125 -10.67 -27.86 -9.23
C ASP A 125 -10.56 -28.42 -7.82
N GLY A 126 -10.10 -27.60 -6.90
CA GLY A 126 -10.10 -28.01 -5.51
C GLY A 126 -8.85 -28.74 -5.11
N GLN A 127 -7.86 -28.77 -6.00
CA GLN A 127 -6.63 -29.55 -5.79
C GLN A 127 -5.38 -28.77 -6.19
N THR A 128 -5.49 -28.02 -7.29
CA THR A 128 -4.41 -27.16 -7.73
C THR A 128 -4.19 -26.06 -6.69
N PRO A 129 -2.97 -25.95 -6.15
CA PRO A 129 -2.73 -24.92 -5.15
C PRO A 129 -2.28 -23.65 -5.88
N VAL A 130 -2.58 -22.48 -5.31
CA VAL A 130 -2.22 -21.23 -5.96
C VAL A 130 -1.73 -20.22 -4.95
N SER A 131 -0.60 -19.60 -5.24
CA SER A 131 -0.15 -18.50 -4.40
C SER A 131 -1.00 -17.26 -4.66
N MET A 132 -1.99 -17.04 -3.80
CA MET A 132 -2.78 -15.85 -3.90
C MET A 132 -1.91 -14.61 -3.72
N GLN A 133 -0.85 -14.72 -2.94
CA GLN A 133 0.11 -13.64 -2.80
C GLN A 133 0.69 -13.25 -4.18
N ASP A 134 1.11 -14.24 -4.97
CA ASP A 134 1.67 -13.93 -6.29
C ASP A 134 0.58 -13.39 -7.22
N MET A 135 -0.55 -14.07 -7.24
CA MET A 135 -1.64 -13.65 -8.09
C MET A 135 -2.06 -12.19 -7.83
N LEU A 136 -2.22 -11.85 -6.55
CA LEU A 136 -2.62 -10.52 -6.15
C LEU A 136 -1.56 -9.47 -6.49
N THR A 137 -0.31 -9.86 -6.37
CA THR A 137 0.75 -8.98 -6.81
C THR A 137 0.75 -8.70 -8.31
N TYR A 138 0.57 -9.72 -9.14
CA TYR A 138 0.57 -9.48 -10.60
C TYR A 138 -0.60 -8.60 -10.99
N THR A 139 -1.75 -8.88 -10.40
CA THR A 139 -2.90 -8.06 -10.65
C THR A 139 -2.60 -6.58 -10.27
N ALA A 140 -2.07 -6.35 -9.07
CA ALA A 140 -1.87 -4.98 -8.62
C ALA A 140 -0.89 -4.30 -9.55
N MET A 141 0.10 -5.04 -10.01
CA MET A 141 1.09 -4.42 -10.87
C MET A 141 0.49 -4.07 -12.24
N ASP A 142 -0.23 -5.02 -12.86
CA ASP A 142 -1.00 -4.75 -14.09
C ASP A 142 -1.97 -3.56 -13.99
N ILE A 143 -2.73 -3.47 -12.90
CA ILE A 143 -3.59 -2.33 -12.75
C ILE A 143 -2.74 -1.08 -12.74
N LEU A 144 -1.71 -1.07 -11.90
CA LEU A 144 -0.96 0.15 -11.72
C LEU A 144 -0.31 0.56 -13.04
N ALA A 145 0.44 -0.37 -13.63
CA ALA A 145 1.14 -0.08 -14.87
C ALA A 145 0.25 0.55 -15.95
N LYS A 146 -0.97 0.08 -16.07
CA LYS A 146 -1.87 0.60 -17.12
C LYS A 146 -2.49 1.94 -16.65
N ALA A 147 -3.09 1.96 -15.46
CA ALA A 147 -3.74 3.18 -14.98
C ALA A 147 -2.79 4.37 -14.79
N ALA A 148 -1.56 4.09 -14.45
CA ALA A 148 -0.62 5.16 -14.18
C ALA A 148 0.20 5.55 -15.40
N PHE A 149 0.63 4.57 -16.18
CA PHE A 149 1.58 4.86 -17.23
C PHE A 149 1.04 4.43 -18.58
N GLY A 150 -0.21 3.99 -18.61
CA GLY A 150 -0.82 3.55 -19.83
C GLY A 150 -0.16 2.36 -20.50
N MET A 151 0.44 1.45 -19.74
CA MET A 151 1.09 0.28 -20.33
C MET A 151 0.47 -1.05 -19.89
N GLU A 152 0.53 -2.02 -20.78
CA GLU A 152 0.12 -3.39 -20.46
C GLU A 152 1.34 -4.20 -20.07
N THR A 153 1.34 -4.75 -18.87
CA THR A 153 2.43 -5.61 -18.45
C THR A 153 2.13 -7.10 -18.64
N SER A 154 0.88 -7.49 -18.43
CA SER A 154 0.47 -8.85 -18.72
C SER A 154 1.13 -9.90 -17.80
N MET A 155 1.50 -9.46 -16.60
CA MET A 155 2.02 -10.39 -15.63
C MET A 155 1.04 -11.47 -15.26
N LEU A 156 -0.25 -11.18 -15.27
CA LEU A 156 -1.24 -12.25 -15.07
C LEU A 156 -1.14 -13.36 -16.11
N LEU A 157 -0.56 -13.05 -17.26
CA LEU A 157 -0.47 -14.02 -18.34
C LEU A 157 0.95 -14.46 -18.63
N GLY A 158 1.81 -14.48 -17.63
CA GLY A 158 3.15 -15.00 -17.83
C GLY A 158 4.21 -14.03 -18.34
N ALA A 159 3.82 -12.80 -18.70
CA ALA A 159 4.74 -11.85 -19.33
C ALA A 159 5.57 -11.02 -18.36
N GLN A 160 6.54 -10.29 -18.91
CA GLN A 160 7.40 -9.42 -18.12
C GLN A 160 7.95 -10.09 -16.87
N LYS A 161 8.28 -11.37 -16.96
CA LYS A 161 8.93 -12.07 -15.86
C LYS A 161 10.19 -11.41 -15.31
N PRO A 162 11.00 -10.78 -16.19
CA PRO A 162 12.19 -10.14 -15.64
C PRO A 162 11.78 -8.98 -14.75
N LEU A 163 10.95 -8.09 -15.29
CA LEU A 163 10.45 -6.93 -14.54
C LEU A 163 9.90 -7.34 -13.19
N SER A 164 9.32 -8.53 -13.15
CA SER A 164 8.71 -9.05 -11.95
C SER A 164 9.84 -9.40 -10.95
N GLN A 165 10.84 -10.13 -11.43
CA GLN A 165 12.07 -10.38 -10.66
C GLN A 165 12.82 -9.15 -10.15
N ALA A 166 12.97 -8.13 -10.98
CA ALA A 166 13.58 -6.90 -10.51
C ALA A 166 12.87 -6.43 -9.26
N VAL A 167 11.57 -6.13 -9.39
CA VAL A 167 10.81 -5.66 -8.23
C VAL A 167 11.07 -6.56 -7.02
N LYS A 168 11.00 -7.86 -7.24
CA LYS A 168 11.20 -8.82 -6.15
C LYS A 168 12.53 -8.60 -5.41
N LEU A 169 13.61 -8.43 -6.17
CA LEU A 169 14.94 -8.34 -5.59
C LEU A 169 15.14 -6.97 -5.02
N MET A 170 14.74 -5.98 -5.81
CA MET A 170 14.80 -4.59 -5.42
C MET A 170 14.16 -4.47 -4.02
N LEU A 171 13.09 -5.22 -3.77
CA LEU A 171 12.46 -5.26 -2.45
C LEU A 171 13.27 -5.90 -1.33
N GLU A 172 13.74 -7.11 -1.57
CA GLU A 172 14.65 -7.76 -0.62
C GLU A 172 15.82 -6.82 -0.32
N GLY A 173 16.33 -6.19 -1.37
CA GLY A 173 17.40 -5.24 -1.22
C GLY A 173 17.06 -4.21 -0.18
N ILE A 174 15.98 -3.45 -0.39
CA ILE A 174 15.61 -2.42 0.56
C ILE A 174 15.57 -2.97 1.98
N THR A 175 14.99 -4.14 2.14
CA THR A 175 14.99 -4.80 3.45
C THR A 175 16.38 -4.74 4.06
N ALA A 176 17.32 -5.44 3.41
CA ALA A 176 18.70 -5.53 3.89
C ALA A 176 19.33 -4.15 4.12
N SER A 177 19.29 -3.33 3.08
CA SER A 177 19.74 -1.94 3.14
C SER A 177 19.48 -1.24 4.48
N ARG A 178 18.55 -1.76 5.28
CA ARG A 178 18.18 -1.07 6.51
C ARG A 178 17.92 -1.95 7.73
N ASN A 179 18.49 -3.17 7.73
CA ASN A 179 18.49 -4.02 8.92
C ASN A 179 19.70 -4.91 9.13
N THR A 180 20.37 -5.30 8.05
CA THR A 180 21.52 -6.20 8.14
C THR A 180 22.44 -5.81 9.29
N LEU A 181 22.29 -6.53 10.40
CA LEU A 181 23.06 -6.26 11.61
C LEU A 181 24.47 -5.79 11.24
N LEU A 192 25.54 -10.78 -4.41
CA LEU A 192 24.06 -10.65 -4.48
C LEU A 192 23.64 -9.24 -4.91
N ARG A 193 24.51 -8.53 -5.62
CA ARG A 193 24.10 -7.27 -6.27
C ARG A 193 23.37 -7.41 -7.57
N GLU A 194 22.54 -8.45 -7.64
CA GLU A 194 21.49 -8.48 -8.63
C GLU A 194 20.61 -7.28 -8.25
N VAL A 195 20.69 -6.89 -6.98
CA VAL A 195 19.93 -5.78 -6.49
C VAL A 195 20.22 -4.48 -7.22
N ARG A 196 21.49 -4.17 -7.35
CA ARG A 196 21.87 -2.94 -8.04
C ARG A 196 21.39 -3.09 -9.49
N GLU A 197 21.53 -4.30 -10.03
CA GLU A 197 21.13 -4.58 -11.40
C GLU A 197 19.66 -4.19 -11.52
N SER A 198 18.84 -4.81 -10.68
CA SER A 198 17.41 -4.56 -10.61
C SER A 198 17.07 -3.07 -10.51
N ILE A 199 17.68 -2.37 -9.57
CA ILE A 199 17.35 -0.97 -9.41
C ILE A 199 17.58 -0.25 -10.72
N ARG A 200 18.58 -0.71 -11.45
CA ARG A 200 18.89 -0.08 -12.72
C ARG A 200 17.87 -0.48 -13.78
N PHE A 201 17.59 -1.78 -13.86
CA PHE A 201 16.60 -2.30 -14.79
C PHE A 201 15.31 -1.46 -14.61
N LEU A 202 14.77 -1.43 -13.39
CA LEU A 202 13.60 -0.64 -13.11
C LEU A 202 13.77 0.74 -13.71
N ARG A 203 14.82 1.46 -13.32
CA ARG A 203 14.97 2.81 -13.86
C ARG A 203 14.98 2.93 -15.38
N GLN A 204 15.37 1.84 -16.04
CA GLN A 204 15.44 1.85 -17.49
C GLN A 204 14.03 1.61 -18.04
N VAL A 205 13.31 0.64 -17.46
CA VAL A 205 11.89 0.49 -17.75
C VAL A 205 11.22 1.85 -17.73
N GLY A 206 11.53 2.64 -16.70
CA GLY A 206 11.03 3.99 -16.62
C GLY A 206 11.45 4.85 -17.82
N ARG A 207 12.73 4.80 -18.18
CA ARG A 207 13.20 5.59 -19.30
C ARG A 207 12.41 5.24 -20.57
N ASP A 208 12.28 3.94 -20.83
CA ASP A 208 11.50 3.42 -21.94
C ASP A 208 10.04 3.89 -21.98
N TRP A 209 9.31 3.75 -20.87
CA TRP A 209 7.90 4.18 -20.85
C TRP A 209 7.76 5.69 -20.96
N VAL A 210 8.64 6.41 -20.28
CA VAL A 210 8.55 7.87 -20.34
C VAL A 210 8.78 8.24 -21.80
N GLN A 211 9.59 7.41 -22.44
CA GLN A 211 9.98 7.69 -23.81
C GLN A 211 8.81 7.37 -24.73
N ARG A 212 8.35 6.12 -24.70
CA ARG A 212 7.22 5.71 -25.52
C ARG A 212 6.13 6.74 -25.42
N ARG A 213 6.07 7.41 -24.28
CA ARG A 213 5.06 8.41 -24.03
C ARG A 213 5.33 9.69 -24.80
N ARG A 214 6.56 10.19 -24.70
CA ARG A 214 6.91 11.39 -25.45
C ARG A 214 6.79 11.18 -26.95
N GLU A 215 7.31 10.04 -27.42
CA GLU A 215 7.29 9.69 -28.83
C GLU A 215 5.88 9.66 -29.42
N ALA A 216 4.88 9.37 -28.59
CA ALA A 216 3.50 9.37 -29.04
C ALA A 216 2.89 10.77 -28.95
N LEU A 217 3.33 11.55 -27.97
CA LEU A 217 2.83 12.90 -27.83
C LEU A 217 3.49 13.88 -28.81
N LYS A 218 4.60 13.46 -29.43
CA LYS A 218 5.13 14.15 -30.61
C LYS A 218 4.76 13.54 -31.95
N ARG A 219 3.85 12.56 -31.92
CA ARG A 219 3.05 12.18 -33.07
C ARG A 219 1.71 12.86 -32.77
N GLY A 220 1.79 14.00 -32.09
CA GLY A 220 0.62 14.78 -31.70
C GLY A 220 -0.57 13.95 -31.27
N GLU A 221 -0.30 12.75 -30.80
CA GLU A 221 -1.35 11.77 -30.51
C GLU A 221 -2.11 12.08 -29.23
N GLU A 222 -3.36 11.62 -29.17
CA GLU A 222 -4.29 11.96 -28.09
C GLU A 222 -4.16 11.04 -26.87
N VAL A 223 -3.25 11.39 -25.96
CA VAL A 223 -3.09 10.60 -24.75
C VAL A 223 -3.81 11.24 -23.56
N PRO A 224 -4.68 10.47 -22.89
CA PRO A 224 -5.45 10.93 -21.74
C PRO A 224 -4.67 11.08 -20.41
N ALA A 225 -5.36 11.64 -19.41
CA ALA A 225 -4.77 12.16 -18.18
C ALA A 225 -4.31 11.12 -17.16
N ASP A 226 -3.01 10.88 -17.10
CA ASP A 226 -2.45 9.87 -16.21
C ASP A 226 -1.81 10.46 -14.97
N ILE A 227 -1.24 9.56 -14.17
CA ILE A 227 -0.25 9.93 -13.19
C ILE A 227 1.01 10.32 -13.97
N LEU A 228 1.36 9.52 -14.98
CA LEU A 228 2.54 9.83 -15.76
C LEU A 228 2.53 11.24 -16.34
N THR A 229 1.39 11.63 -16.88
CA THR A 229 1.20 12.98 -17.32
C THR A 229 1.68 13.98 -16.26
N GLN A 230 1.14 13.87 -15.05
CA GLN A 230 1.48 14.84 -14.00
C GLN A 230 2.92 14.79 -13.53
N ILE A 231 3.53 13.61 -13.50
CA ILE A 231 4.90 13.59 -13.06
C ILE A 231 5.81 14.33 -14.03
N LEU A 232 5.65 14.09 -15.34
CA LEU A 232 6.36 14.86 -16.36
C LEU A 232 6.09 16.34 -16.20
N LYS A 233 4.82 16.68 -16.06
CA LYS A 233 4.40 18.07 -15.91
C LYS A 233 5.13 18.72 -14.75
N ALA A 234 5.45 17.93 -13.73
CA ALA A 234 6.10 18.46 -12.54
C ALA A 234 7.62 18.50 -12.67
N GLU A 235 8.17 17.80 -13.65
CA GLU A 235 9.61 17.83 -13.91
C GLU A 235 10.00 18.72 -15.08
N GLU A 236 9.23 19.78 -15.28
CA GLU A 236 9.51 20.72 -16.36
C GLU A 236 10.54 21.74 -15.92
N GLY A 237 11.47 22.08 -16.82
CA GLY A 237 12.53 23.00 -16.46
C GLY A 237 13.65 22.26 -15.75
N ALA A 238 13.52 20.94 -15.67
CA ALA A 238 14.55 20.12 -15.05
C ALA A 238 15.66 19.82 -16.04
N GLN A 239 16.90 20.12 -15.65
CA GLN A 239 18.03 19.84 -16.50
C GLN A 239 18.11 18.35 -16.81
N ASP A 240 17.91 17.53 -15.78
CA ASP A 240 17.89 16.07 -15.92
C ASP A 240 16.46 15.54 -15.85
N ASP A 241 16.28 14.30 -16.28
CA ASP A 241 15.05 13.57 -16.02
C ASP A 241 15.28 12.61 -14.86
N GLU A 242 16.10 13.02 -13.91
CA GLU A 242 16.45 12.09 -12.86
C GLU A 242 15.35 12.11 -11.77
N GLY A 243 14.80 13.29 -11.51
CA GLY A 243 13.69 13.40 -10.59
C GLY A 243 12.43 12.76 -11.17
N LEU A 244 12.41 12.64 -12.49
CA LEU A 244 11.27 12.07 -13.16
C LEU A 244 11.36 10.55 -13.05
N LEU A 245 12.57 9.98 -13.17
CA LEU A 245 12.73 8.60 -12.74
C LEU A 245 12.43 8.35 -11.25
N ASP A 246 12.84 9.26 -10.38
CA ASP A 246 12.49 9.14 -8.97
C ASP A 246 10.99 8.85 -8.85
N ASN A 247 10.16 9.84 -9.19
CA ASN A 247 8.73 9.61 -9.25
C ASN A 247 8.21 8.42 -10.00
N PHE A 248 8.89 8.01 -11.06
CA PHE A 248 8.46 6.81 -11.74
C PHE A 248 8.58 5.61 -10.86
N VAL A 249 9.77 5.37 -10.32
CA VAL A 249 9.96 4.20 -9.47
C VAL A 249 9.11 4.29 -8.21
N THR A 250 8.95 5.50 -7.68
CA THR A 250 8.05 5.76 -6.56
C THR A 250 6.62 5.25 -6.78
N PHE A 251 5.91 5.80 -7.76
CA PHE A 251 4.56 5.33 -8.02
C PHE A 251 4.53 3.89 -8.47
N PHE A 252 5.54 3.50 -9.23
CA PHE A 252 5.55 2.14 -9.71
C PHE A 252 5.49 1.17 -8.54
N ILE A 253 6.15 1.52 -7.44
CA ILE A 253 6.20 0.65 -6.27
C ILE A 253 5.12 0.91 -5.23
N ALA A 254 5.00 2.16 -4.83
CA ALA A 254 3.96 2.60 -3.91
C ALA A 254 2.58 2.21 -4.41
N GLY A 255 2.44 2.17 -5.73
CA GLY A 255 1.13 2.00 -6.32
C GLY A 255 0.69 0.57 -6.54
N HIS A 256 1.53 -0.44 -6.26
CA HIS A 256 1.04 -1.81 -6.38
C HIS A 256 1.37 -2.65 -5.13
N GLU A 257 2.57 -2.46 -4.56
CA GLU A 257 3.02 -3.32 -3.44
C GLU A 257 2.11 -3.37 -2.17
N THR A 258 1.80 -2.21 -1.58
CA THR A 258 0.91 -2.16 -0.42
C THR A 258 -0.52 -2.60 -0.73
N SER A 259 -1.00 -2.37 -1.95
CA SER A 259 -2.32 -2.87 -2.34
C SER A 259 -2.33 -4.39 -2.42
N ALA A 260 -1.27 -4.96 -2.99
CA ALA A 260 -1.19 -6.40 -3.11
C ALA A 260 -1.09 -7.00 -1.73
N ASN A 261 -0.30 -6.40 -0.85
CA ASN A 261 -0.21 -6.95 0.49
C ASN A 261 -1.56 -6.84 1.24
N HIS A 262 -2.20 -5.68 1.13
CA HIS A 262 -3.53 -5.49 1.69
C HIS A 262 -4.48 -6.60 1.21
N LEU A 263 -4.53 -6.84 -0.09
CA LEU A 263 -5.30 -7.97 -0.61
C LEU A 263 -4.93 -9.32 -0.03
N ALA A 264 -3.64 -9.66 -0.07
CA ALA A 264 -3.17 -10.91 0.46
C ALA A 264 -3.62 -11.13 1.90
N PHE A 265 -3.49 -10.11 2.76
CA PHE A 265 -3.96 -10.24 4.13
C PHE A 265 -5.45 -10.54 4.25
N THR A 266 -6.26 -9.78 3.52
CA THR A 266 -7.69 -9.89 3.59
C THR A 266 -8.11 -11.30 3.22
N VAL A 267 -7.52 -11.83 2.15
CA VAL A 267 -7.78 -13.20 1.78
C VAL A 267 -7.27 -14.26 2.74
N MET A 268 -6.05 -14.04 3.24
CA MET A 268 -5.54 -14.94 4.26
C MET A 268 -6.61 -14.98 5.36
N GLU A 269 -6.98 -13.81 5.90
CA GLU A 269 -7.88 -13.77 7.05
C GLU A 269 -9.26 -14.36 6.77
N LEU A 270 -9.85 -14.01 5.64
CA LEU A 270 -11.14 -14.55 5.28
C LEU A 270 -11.22 -16.09 5.20
N SER A 271 -10.13 -16.74 4.82
CA SER A 271 -10.17 -18.18 4.66
C SER A 271 -10.59 -18.85 5.97
N ARG A 272 -10.43 -18.17 7.10
CA ARG A 272 -10.89 -18.74 8.37
C ARG A 272 -12.02 -17.93 9.03
N GLN A 273 -12.90 -17.38 8.23
CA GLN A 273 -14.02 -16.55 8.68
C GLN A 273 -15.22 -16.86 7.81
N PRO A 274 -15.67 -18.12 7.81
CA PRO A 274 -16.81 -18.49 6.97
C PRO A 274 -18.07 -17.66 7.15
N GLU A 275 -18.39 -17.30 8.38
CA GLU A 275 -19.52 -16.37 8.59
C GLU A 275 -19.33 -15.05 7.87
N ILE A 276 -18.14 -14.44 8.00
CA ILE A 276 -17.89 -13.13 7.41
C ILE A 276 -18.05 -13.28 5.91
N VAL A 277 -17.50 -14.36 5.39
CA VAL A 277 -17.57 -14.59 3.96
C VAL A 277 -19.03 -14.69 3.49
N ALA A 278 -19.84 -15.40 4.26
CA ALA A 278 -21.25 -15.57 3.90
C ALA A 278 -21.94 -14.21 3.80
N ARG A 279 -21.65 -13.35 4.76
CA ARG A 279 -22.27 -12.06 4.73
C ARG A 279 -21.75 -11.22 3.56
N LEU A 280 -20.46 -11.34 3.25
CA LEU A 280 -19.93 -10.65 2.09
C LEU A 280 -20.55 -11.15 0.77
N GLN A 281 -20.76 -12.46 0.67
CA GLN A 281 -21.33 -13.04 -0.56
C GLN A 281 -22.73 -12.47 -0.73
N ALA A 282 -23.52 -12.66 0.32
CA ALA A 282 -24.83 -12.08 0.42
C ALA A 282 -24.83 -10.64 -0.10
N GLU A 283 -23.99 -9.78 0.49
CA GLU A 283 -23.90 -8.38 0.05
C GLU A 283 -23.59 -8.15 -1.42
N VAL A 284 -22.59 -8.85 -1.94
CA VAL A 284 -22.16 -8.58 -3.33
C VAL A 284 -23.24 -9.10 -4.31
N ASP A 285 -23.87 -10.23 -3.97
CA ASP A 285 -25.03 -10.69 -4.74
C ASP A 285 -26.12 -9.65 -4.90
N GLU A 286 -26.50 -8.99 -3.81
CA GLU A 286 -27.41 -7.88 -3.94
C GLU A 286 -26.89 -6.67 -4.72
N VAL A 287 -25.78 -6.07 -4.29
CA VAL A 287 -25.30 -4.88 -4.96
C VAL A 287 -24.98 -5.05 -6.45
N ILE A 288 -24.33 -6.14 -6.82
CA ILE A 288 -23.91 -6.26 -8.21
C ILE A 288 -24.59 -7.41 -8.95
N GLY A 289 -25.20 -8.30 -8.18
CA GLY A 289 -25.78 -9.48 -8.76
C GLY A 289 -24.71 -10.27 -9.49
N SER A 290 -24.90 -10.48 -10.78
CA SER A 290 -23.94 -11.25 -11.54
C SER A 290 -23.43 -10.48 -12.75
N LYS A 291 -23.63 -9.17 -12.73
CA LYS A 291 -23.01 -8.35 -13.76
C LYS A 291 -21.49 -8.58 -13.74
N ARG A 292 -20.85 -8.42 -14.89
CA ARG A 292 -19.40 -8.56 -14.94
C ARG A 292 -18.64 -7.37 -14.42
N TYR A 293 -19.09 -6.17 -14.80
CA TYR A 293 -18.44 -4.97 -14.36
C TYR A 293 -19.15 -4.20 -13.26
N LEU A 294 -18.40 -3.74 -12.26
CA LEU A 294 -18.96 -2.84 -11.27
C LEU A 294 -18.92 -1.45 -11.86
N ASP A 295 -19.93 -0.65 -11.56
CA ASP A 295 -19.93 0.78 -11.89
C ASP A 295 -19.32 1.51 -10.71
N PHE A 296 -18.74 2.69 -10.98
CA PHE A 296 -18.21 3.50 -9.88
C PHE A 296 -19.24 3.68 -8.78
N GLU A 297 -20.51 3.69 -9.17
CA GLU A 297 -21.60 3.97 -8.25
C GLU A 297 -21.87 2.80 -7.31
N ASP A 298 -21.46 1.60 -7.72
CA ASP A 298 -21.67 0.41 -6.91
C ASP A 298 -20.76 0.35 -5.70
N LEU A 299 -19.57 0.94 -5.83
CA LEU A 299 -18.55 0.81 -4.80
C LEU A 299 -19.10 1.32 -3.50
N GLY A 300 -19.73 2.49 -3.59
CA GLY A 300 -20.29 3.13 -2.43
C GLY A 300 -21.23 2.19 -1.71
N ARG A 301 -21.96 1.39 -2.46
CA ARG A 301 -22.94 0.50 -1.83
C ARG A 301 -22.36 -0.71 -1.13
N LEU A 302 -21.10 -1.05 -1.41
CA LEU A 302 -20.47 -2.22 -0.77
C LEU A 302 -20.02 -1.97 0.68
N GLN A 303 -20.99 -1.50 1.47
CA GLN A 303 -20.80 -1.12 2.86
C GLN A 303 -19.99 -2.12 3.68
N TYR A 304 -20.48 -3.35 3.73
CA TYR A 304 -19.93 -4.34 4.62
C TYR A 304 -18.53 -4.81 4.17
N LEU A 305 -18.32 -4.85 2.86
CA LEU A 305 -17.03 -5.22 2.31
C LEU A 305 -16.02 -4.18 2.81
N SER A 306 -16.48 -2.95 2.70
CA SER A 306 -15.73 -1.81 3.12
C SER A 306 -15.37 -1.94 4.61
N GLN A 307 -16.25 -2.49 5.44
CA GLN A 307 -15.91 -2.68 6.83
C GLN A 307 -14.84 -3.73 7.04
N VAL A 308 -14.93 -4.76 6.21
CA VAL A 308 -14.00 -5.88 6.27
C VAL A 308 -12.60 -5.38 5.92
N LEU A 309 -12.51 -4.56 4.88
CA LEU A 309 -11.25 -4.03 4.44
C LEU A 309 -10.63 -3.09 5.47
N LYS A 310 -11.48 -2.33 6.17
CA LYS A 310 -11.01 -1.53 7.28
C LYS A 310 -10.45 -2.35 8.43
N GLU A 311 -11.16 -3.39 8.82
CA GLU A 311 -10.71 -4.20 9.93
C GLU A 311 -9.43 -4.93 9.51
N SER A 312 -9.28 -5.17 8.23
CA SER A 312 -8.07 -5.81 7.74
C SER A 312 -6.88 -4.84 7.89
N LEU A 313 -7.04 -3.59 7.48
CA LEU A 313 -5.99 -2.61 7.64
C LEU A 313 -5.65 -2.34 9.12
N ARG A 314 -6.60 -2.53 10.02
CA ARG A 314 -6.33 -2.28 11.43
C ARG A 314 -5.36 -3.31 11.99
N LEU A 315 -5.60 -4.60 11.74
CA LEU A 315 -4.71 -5.68 12.16
C LEU A 315 -3.49 -5.91 11.29
N TYR A 316 -3.61 -5.61 10.00
CA TYR A 316 -2.58 -5.93 9.02
C TYR A 316 -2.26 -4.75 8.12
N PRO A 317 -1.85 -3.65 8.70
CA PRO A 317 -1.54 -2.55 7.78
C PRO A 317 -0.20 -2.82 7.11
N PRO A 318 -0.18 -2.80 5.77
CA PRO A 318 1.08 -3.07 5.05
C PRO A 318 2.13 -2.01 5.37
N ALA A 319 1.66 -0.79 5.59
CA ALA A 319 2.58 0.28 5.96
C ALA A 319 2.32 0.58 7.41
N TRP A 320 3.25 0.22 8.27
CA TRP A 320 2.99 0.28 9.69
C TRP A 320 3.01 1.68 10.31
N GLY A 321 3.71 2.61 9.69
CA GLY A 321 3.66 3.95 10.19
C GLY A 321 4.50 4.95 9.43
N THR A 322 4.93 6.00 10.13
CA THR A 322 5.72 7.02 9.51
C THR A 322 6.56 7.74 10.57
N PHE A 323 7.52 8.53 10.13
CA PHE A 323 8.38 9.31 11.02
C PHE A 323 8.18 10.82 10.81
N ARG A 324 8.33 11.58 11.88
CA ARG A 324 8.37 13.04 11.80
C ARG A 324 9.56 13.57 12.62
N LEU A 325 10.18 14.65 12.15
CA LEU A 325 11.26 15.29 12.90
C LEU A 325 10.70 16.19 14.02
N LEU A 326 11.07 15.92 15.27
CA LEU A 326 10.78 16.86 16.35
C LEU A 326 12.05 17.70 16.46
N GLU A 327 11.93 19.00 16.25
CA GLU A 327 13.12 19.85 16.23
C GLU A 327 13.37 20.64 17.50
N GLU A 328 12.34 21.29 18.01
CA GLU A 328 12.35 21.81 19.38
C GLU A 328 11.99 20.73 20.39
N GLU A 329 12.92 20.47 21.31
CA GLU A 329 12.62 19.73 22.52
C GLU A 329 11.25 20.15 23.02
N THR A 330 10.31 19.21 23.07
CA THR A 330 8.95 19.52 23.51
C THR A 330 8.60 18.55 24.62
N LEU A 331 7.46 18.78 25.25
CA LEU A 331 6.99 17.84 26.24
C LEU A 331 5.95 16.96 25.50
N ILE A 332 6.03 15.64 25.67
CA ILE A 332 5.06 14.72 25.04
C ILE A 332 4.52 13.80 26.12
N ASP A 333 3.20 13.86 26.35
CA ASP A 333 2.55 13.10 27.43
C ASP A 333 3.41 13.07 28.69
N GLY A 334 3.73 14.25 29.18
CA GLY A 334 4.48 14.39 30.40
C GLY A 334 5.91 13.87 30.34
N VAL A 335 6.52 13.95 29.16
CA VAL A 335 7.89 13.49 28.97
C VAL A 335 8.66 14.49 28.09
N ARG A 336 9.79 14.97 28.59
CA ARG A 336 10.55 15.94 27.83
C ARG A 336 11.29 15.15 26.76
N VAL A 337 11.08 15.50 25.49
CA VAL A 337 11.79 14.83 24.41
C VAL A 337 12.75 15.82 23.77
N PRO A 338 14.04 15.46 23.69
CA PRO A 338 15.04 16.36 23.12
C PRO A 338 14.82 16.70 21.65
N GLY A 339 15.17 17.93 21.30
CA GLY A 339 15.10 18.37 19.92
C GLY A 339 15.90 17.47 18.98
N ASN A 340 15.73 17.68 17.68
CA ASN A 340 16.34 16.85 16.64
C ASN A 340 16.14 15.35 16.85
N THR A 341 14.91 14.95 17.17
CA THR A 341 14.59 13.54 17.38
C THR A 341 13.55 13.00 16.39
N PRO A 342 13.80 11.81 15.81
CA PRO A 342 12.84 11.19 14.89
C PRO A 342 11.69 10.64 15.76
N LEU A 343 10.46 11.08 15.51
CA LEU A 343 9.30 10.51 16.17
C LEU A 343 8.66 9.43 15.29
N LEU A 344 8.40 8.27 15.89
CA LEU A 344 7.87 7.12 15.18
C LEU A 344 6.37 6.98 15.53
N PHE A 345 5.52 6.90 14.49
CA PHE A 345 4.08 6.68 14.67
C PHE A 345 3.69 5.34 14.05
N SER A 346 2.94 4.53 14.80
CA SER A 346 2.62 3.18 14.35
C SER A 346 1.13 2.85 14.47
N THR A 347 0.50 2.68 13.32
CA THR A 347 -0.90 2.31 13.28
C THR A 347 -1.02 0.82 13.61
N TYR A 348 0.04 0.08 13.29
CA TYR A 348 0.11 -1.31 13.70
C TYR A 348 0.05 -1.41 15.21
N VAL A 349 0.88 -0.61 15.88
CA VAL A 349 0.95 -0.68 17.32
C VAL A 349 -0.35 -0.28 17.97
N MET A 350 -0.89 0.84 17.54
CA MET A 350 -2.11 1.30 18.14
C MET A 350 -3.28 0.37 17.89
N GLY A 351 -3.31 -0.22 16.71
CA GLY A 351 -4.37 -1.14 16.38
C GLY A 351 -4.48 -2.34 17.31
N ARG A 352 -3.39 -2.61 18.00
CA ARG A 352 -3.32 -3.80 18.81
C ARG A 352 -3.25 -3.51 20.31
N MET A 353 -3.50 -2.26 20.68
CA MET A 353 -3.59 -1.91 22.09
C MET A 353 -5.02 -1.97 22.65
N ASP A 354 -5.23 -2.81 23.67
CA ASP A 354 -6.54 -2.91 24.34
C ASP A 354 -7.08 -1.56 24.87
N THR A 355 -6.19 -0.61 25.09
CA THR A 355 -6.59 0.73 25.47
C THR A 355 -7.42 1.41 24.39
N TYR A 356 -7.13 1.15 23.11
CA TYR A 356 -7.86 1.82 22.03
C TYR A 356 -8.89 0.94 21.34
N PHE A 357 -8.69 -0.38 21.38
CA PHE A 357 -9.62 -1.32 20.73
C PHE A 357 -9.96 -2.48 21.65
N GLU A 358 -11.24 -2.67 21.94
CA GLU A 358 -11.63 -3.76 22.82
C GLU A 358 -11.30 -5.07 22.16
N ASP A 359 -10.69 -5.97 22.92
CA ASP A 359 -10.33 -7.31 22.44
C ASP A 359 -9.64 -7.22 21.06
N PRO A 360 -8.46 -6.56 21.04
CA PRO A 360 -7.66 -6.32 19.83
C PRO A 360 -7.30 -7.45 18.87
N LEU A 361 -7.01 -8.64 19.36
CA LEU A 361 -6.63 -9.69 18.39
C LEU A 361 -7.78 -10.25 17.55
N THR A 362 -9.00 -9.93 17.96
CA THR A 362 -10.19 -10.38 17.29
C THR A 362 -10.54 -9.56 16.08
N PHE A 363 -10.69 -10.26 14.96
CA PHE A 363 -11.00 -9.66 13.69
C PHE A 363 -12.50 -9.45 13.65
N ASN A 364 -12.94 -8.20 13.81
CA ASN A 364 -14.37 -7.87 13.88
C ASN A 364 -14.79 -6.64 13.08
N PRO A 365 -15.35 -6.85 11.88
CA PRO A 365 -15.80 -5.82 10.94
C PRO A 365 -16.86 -4.86 11.49
N ASP A 366 -17.65 -5.35 12.45
CA ASP A 366 -18.62 -4.48 13.12
C ASP A 366 -17.97 -3.25 13.82
N ARG A 367 -16.68 -3.32 14.14
CA ARG A 367 -15.98 -2.17 14.72
C ARG A 367 -16.20 -0.96 13.84
N PHE A 368 -16.46 -1.18 12.57
CA PHE A 368 -16.59 -0.09 11.63
C PHE A 368 -17.99 0.01 11.09
N GLY A 369 -18.93 -0.61 11.79
CA GLY A 369 -20.32 -0.58 11.36
C GLY A 369 -20.97 0.79 11.43
N PRO A 370 -22.04 1.00 10.65
CA PRO A 370 -22.69 2.30 10.71
C PRO A 370 -23.19 2.60 12.13
N GLY A 371 -22.87 3.78 12.65
CA GLY A 371 -23.24 4.07 14.02
C GLY A 371 -22.13 3.91 15.06
N ALA A 372 -21.06 3.21 14.72
CA ALA A 372 -19.90 3.11 15.62
C ALA A 372 -19.06 4.39 15.57
N PRO A 373 -18.61 4.91 16.71
CA PRO A 373 -17.78 6.12 16.68
C PRO A 373 -16.52 5.81 15.84
N LYS A 374 -16.15 6.69 14.92
CA LYS A 374 -14.95 6.45 14.12
C LYS A 374 -13.78 6.47 15.07
N PRO A 375 -12.79 5.60 14.85
CA PRO A 375 -11.60 5.54 15.71
C PRO A 375 -10.99 6.94 15.72
N ARG A 376 -10.45 7.36 16.84
CA ARG A 376 -10.05 8.75 16.92
C ARG A 376 -8.53 8.87 17.05
N PHE A 377 -7.86 9.08 15.91
CA PHE A 377 -6.41 9.12 15.87
C PHE A 377 -5.70 7.86 16.39
N THR A 378 -6.35 6.71 16.29
CA THR A 378 -5.76 5.47 16.78
C THR A 378 -5.68 4.44 15.63
N TYR A 379 -5.98 4.91 14.43
CA TYR A 379 -6.10 4.09 13.25
C TYR A 379 -5.75 4.96 12.04
N PHE A 380 -4.64 4.65 11.39
CA PHE A 380 -4.22 5.42 10.25
C PHE A 380 -3.41 4.61 9.25
N PRO A 381 -4.05 3.63 8.62
CA PRO A 381 -3.35 2.80 7.64
C PRO A 381 -2.87 3.60 6.41
N PHE A 382 -3.43 4.78 6.18
CA PHE A 382 -3.01 5.64 5.06
C PHE A 382 -2.29 6.86 5.58
N SER A 383 -1.87 6.79 6.84
CA SER A 383 -1.34 7.95 7.55
C SER A 383 -2.38 9.06 7.60
N LEU A 384 -1.96 10.24 8.05
CA LEU A 384 -2.84 11.42 8.29
C LEU A 384 -2.20 12.76 7.91
N GLY A 385 -3.04 13.79 7.72
CA GLY A 385 -2.53 15.14 7.51
C GLY A 385 -1.95 15.33 6.11
N HIS A 386 -1.08 16.31 5.95
CA HIS A 386 -0.62 16.66 4.60
C HIS A 386 0.23 15.58 3.93
N ARG A 387 0.93 14.77 4.70
CA ARG A 387 1.69 13.68 4.10
C ARG A 387 0.92 12.33 4.00
N SER A 388 -0.41 12.38 4.13
CA SER A 388 -1.21 11.16 3.95
C SER A 388 -1.11 10.67 2.50
N CYS A 389 -1.52 9.41 2.28
CA CYS A 389 -1.42 8.71 1.01
C CYS A 389 -2.23 9.38 -0.11
N ILE A 390 -1.55 9.79 -1.16
CA ILE A 390 -2.23 10.51 -2.24
C ILE A 390 -3.13 9.51 -2.96
N GLY A 391 -2.80 8.23 -2.81
CA GLY A 391 -3.49 7.18 -3.55
C GLY A 391 -4.58 6.50 -2.75
N GLN A 392 -4.94 7.05 -1.60
CA GLN A 392 -5.92 6.36 -0.79
C GLN A 392 -7.19 5.93 -1.55
N GLN A 393 -7.90 6.87 -2.18
CA GLN A 393 -9.17 6.51 -2.84
C GLN A 393 -8.90 5.56 -4.01
N PHE A 394 -7.82 5.80 -4.75
CA PHE A 394 -7.40 4.90 -5.80
C PHE A 394 -7.33 3.44 -5.30
N ALA A 395 -6.64 3.24 -4.18
CA ALA A 395 -6.43 1.91 -3.62
C ALA A 395 -7.73 1.34 -3.07
N GLN A 396 -8.52 2.18 -2.43
CA GLN A 396 -9.80 1.69 -1.94
C GLN A 396 -10.74 1.26 -3.07
N MET A 397 -10.73 2.00 -4.19
CA MET A 397 -11.49 1.59 -5.36
C MET A 397 -10.99 0.27 -5.92
N GLU A 398 -9.73 0.25 -6.35
CA GLU A 398 -9.09 -1.00 -6.82
C GLU A 398 -9.42 -2.24 -5.94
N VAL A 399 -9.11 -2.13 -4.65
CA VAL A 399 -9.35 -3.19 -3.68
C VAL A 399 -10.81 -3.69 -3.54
N LYS A 400 -11.78 -2.78 -3.62
CA LYS A 400 -13.18 -3.20 -3.68
C LYS A 400 -13.50 -3.97 -4.96
N VAL A 401 -13.01 -3.49 -6.09
CA VAL A 401 -13.27 -4.18 -7.33
C VAL A 401 -12.74 -5.62 -7.35
N VAL A 402 -11.47 -5.79 -6.98
CA VAL A 402 -10.90 -7.13 -6.93
C VAL A 402 -11.64 -7.99 -5.91
N MET A 403 -11.81 -7.50 -4.68
CA MET A 403 -12.49 -8.33 -3.70
C MET A 403 -13.91 -8.70 -4.13
N ALA A 404 -14.62 -7.74 -4.69
CA ALA A 404 -15.99 -7.97 -5.09
C ALA A 404 -15.99 -9.12 -6.10
N LYS A 405 -15.13 -9.01 -7.11
CA LYS A 405 -15.09 -10.04 -8.11
C LYS A 405 -14.67 -11.40 -7.61
N LEU A 406 -13.74 -11.45 -6.67
CA LEU A 406 -13.46 -12.75 -6.05
C LEU A 406 -14.68 -13.30 -5.33
N LEU A 407 -15.27 -12.47 -4.49
CA LEU A 407 -16.43 -12.89 -3.69
C LEU A 407 -17.57 -13.33 -4.59
N GLN A 408 -17.74 -12.65 -5.70
CA GLN A 408 -18.81 -12.98 -6.62
C GLN A 408 -18.68 -14.40 -7.22
N ARG A 409 -17.45 -14.86 -7.44
CA ARG A 409 -17.20 -16.03 -8.31
C ARG A 409 -16.50 -17.25 -7.68
N LEU A 410 -15.76 -17.05 -6.61
CA LEU A 410 -14.89 -18.13 -6.13
C LEU A 410 -14.98 -18.38 -4.64
N GLU A 411 -14.56 -19.57 -4.25
CA GLU A 411 -14.37 -19.85 -2.84
C GLU A 411 -12.96 -20.34 -2.65
N PHE A 412 -12.31 -19.85 -1.59
CA PHE A 412 -10.90 -20.13 -1.32
C PHE A 412 -10.74 -20.92 -0.04
N ARG A 413 -10.14 -22.10 -0.13
CA ARG A 413 -9.70 -22.79 1.05
C ARG A 413 -8.20 -22.83 1.08
N LEU A 414 -7.64 -22.64 2.26
CA LEU A 414 -6.21 -22.48 2.43
C LEU A 414 -5.58 -23.87 2.58
N VAL A 415 -4.43 -24.09 1.96
CA VAL A 415 -3.78 -25.39 2.04
C VAL A 415 -3.08 -25.64 3.40
N PRO A 416 -3.21 -26.86 3.93
CA PRO A 416 -2.63 -27.27 5.21
C PRO A 416 -1.14 -26.95 5.31
N GLY A 417 -0.71 -26.42 6.47
CA GLY A 417 0.67 -26.02 6.63
C GLY A 417 0.96 -24.58 6.23
N GLN A 418 -0.08 -23.86 5.79
CA GLN A 418 0.04 -22.43 5.58
C GLN A 418 -0.24 -21.70 6.90
N ARG A 419 0.76 -20.99 7.39
CA ARG A 419 0.63 -20.25 8.63
C ARG A 419 -0.07 -18.91 8.42
N PHE A 420 -1.02 -18.62 9.29
CA PHE A 420 -1.50 -17.25 9.44
C PHE A 420 -0.36 -16.59 10.15
N GLY A 421 -0.11 -15.33 9.84
CA GLY A 421 1.04 -14.71 10.44
C GLY A 421 1.70 -13.75 9.48
N LEU A 422 2.76 -13.11 9.94
CA LEU A 422 3.17 -11.86 9.34
C LEU A 422 4.69 -11.73 9.35
N GLN A 423 5.24 -11.07 8.34
CA GLN A 423 6.68 -10.81 8.26
C GLN A 423 6.93 -9.35 7.92
N GLU A 424 8.04 -8.81 8.39
CA GLU A 424 8.32 -7.40 8.19
C GLU A 424 9.43 -7.28 7.18
N GLN A 425 9.04 -7.19 5.91
CA GLN A 425 9.97 -7.07 4.79
C GLN A 425 10.08 -5.54 4.54
N ALA A 426 10.01 -5.12 3.29
CA ALA A 426 9.93 -3.67 3.02
C ALA A 426 8.60 -3.10 3.59
N THR A 427 7.54 -3.90 3.58
CA THR A 427 6.28 -3.58 4.26
C THR A 427 5.88 -4.85 5.01
N LEU A 428 4.78 -4.81 5.75
CA LEU A 428 4.32 -6.04 6.40
C LEU A 428 3.59 -6.81 5.32
N LYS A 429 3.73 -8.13 5.31
CA LYS A 429 2.99 -8.99 4.41
C LYS A 429 2.87 -10.36 5.04
N PRO A 430 2.00 -11.20 4.48
CA PRO A 430 1.81 -12.53 5.06
C PRO A 430 3.12 -13.27 5.14
N LEU A 431 3.29 -14.00 6.24
CA LEU A 431 4.46 -14.84 6.48
C LEU A 431 4.64 -15.89 5.37
N ASP A 432 3.63 -16.72 5.12
CA ASP A 432 3.68 -17.64 3.96
C ASP A 432 2.95 -17.05 2.76
N PRO A 433 3.37 -17.41 1.53
CA PRO A 433 2.60 -16.86 0.43
C PRO A 433 1.23 -17.47 0.73
N VAL A 434 0.18 -17.05 0.08
CA VAL A 434 -1.13 -17.47 0.61
C VAL A 434 -1.70 -18.62 -0.21
N LEU A 435 -1.15 -19.83 -0.04
CA LEU A 435 -1.50 -20.97 -0.90
C LEU A 435 -2.89 -21.51 -0.69
N CYS A 436 -3.69 -21.52 -1.75
CA CYS A 436 -5.09 -21.97 -1.66
C CYS A 436 -5.49 -22.94 -2.75
N THR A 437 -6.53 -23.71 -2.46
CA THR A 437 -7.27 -24.38 -3.51
C THR A 437 -8.56 -23.60 -3.72
N LEU A 438 -9.07 -23.60 -4.94
CA LEU A 438 -10.26 -22.83 -5.30
C LEU A 438 -11.38 -23.70 -5.86
N ARG A 439 -12.60 -23.36 -5.50
CA ARG A 439 -13.79 -23.97 -6.11
C ARG A 439 -14.69 -22.89 -6.66
N PRO A 440 -15.43 -23.20 -7.73
CA PRO A 440 -16.35 -22.20 -8.27
C PRO A 440 -17.38 -22.03 -7.16
N ARG A 441 -17.87 -20.82 -6.98
CA ARG A 441 -18.80 -20.62 -5.88
C ARG A 441 -20.07 -21.45 -6.12
N GLY A 442 -20.19 -22.54 -5.36
CA GLY A 442 -21.23 -23.53 -5.61
C GLY A 442 -20.70 -24.95 -5.64
#